data_7LRL
#
_entry.id   7LRL
#
_cell.length_a   58.241
_cell.length_b   63.532
_cell.length_c   123.749
_cell.angle_alpha   90.000
_cell.angle_beta   90.000
_cell.angle_gamma   90.000
#
_symmetry.space_group_name_H-M   'P 21 21 21'
#
loop_
_entity.id
_entity.type
_entity.pdbx_description
1 polymer 'Cholesterol 24-hydroxylase'
2 non-polymer 'PROTOPORPHYRIN IX CONTAINING FE'
3 non-polymer [4-oxidanyl-4-(phenylmethyl)piperidin-1-yl]-(2-pyridin-4-ylpyridin-3-yl)methanone
4 water water
#
_entity_poly.entity_id   1
_entity_poly.type   'polypeptide(L)'
_entity_poly.pdbx_seq_one_letter_code
;MHHHHHHSRYEHIPGPPRPSFLLGHLPCFWKKDEVGGRVLQDVFLDWAKKYGPVVRVNVFHKTSVIVTSPESVKKFLMST
KYNKDSKMYRALQTVFGERLFGQGLVSECNYERWHKQRRVIDLAFSRSSLVSLMETFNEKAEQLVEILEAKADGQTPVSM
QDMLTYTAMDILAKAAFGMETSMLLGAQKPLSQAVKLMLEGITASRNTLAKFLPGKRKQLREVRESIRFLRQVGRDWVQR
RREALKRGEEVPADILTQILKAEEGAQDDEGLLDNFVTFFIAGHETSANHLAFTVMELSRQPEIVARLQAEVDEVIGSKR
YLDFEDLGRLQYLSQVLKESLRLYPPAWGTFRLLEEETLIDGVRVPGNTPLLFSTYVMGRMDTYFEDPLTFNPDRFGPGA
PKPRFTYFPFSLGHRSCIGQQFAQMEVKVVMAKLLQRLEFRLVPGQRFGLQEQATLKPLDPVLCTLRPRGWQPA
;
_entity_poly.pdbx_strand_id   A
#
# COMPACT_ATOMS: atom_id res chain seq x y z
N SER A 8 15.53 2.90 -30.99
CA SER A 8 14.87 2.79 -32.33
C SER A 8 14.07 1.49 -32.52
N ARG A 9 14.19 0.54 -31.59
CA ARG A 9 13.38 -0.68 -31.66
C ARG A 9 11.95 -0.38 -31.19
N TYR A 10 11.78 0.74 -30.46
CA TYR A 10 10.49 1.17 -29.94
C TYR A 10 9.92 2.45 -30.57
N GLU A 11 10.60 3.06 -31.54
CA GLU A 11 10.14 4.36 -32.07
C GLU A 11 8.77 4.33 -32.78
N HIS A 12 8.39 3.17 -33.31
CA HIS A 12 7.10 3.00 -33.99
C HIS A 12 5.93 3.03 -32.99
N ILE A 13 6.20 2.76 -31.71
CA ILE A 13 5.18 2.70 -30.68
C ILE A 13 4.70 4.10 -30.34
N PRO A 14 3.36 4.31 -30.26
CA PRO A 14 2.84 5.66 -29.97
C PRO A 14 3.37 6.24 -28.67
N GLY A 15 3.59 7.55 -28.66
CA GLY A 15 4.08 8.23 -27.48
C GLY A 15 4.71 9.57 -27.78
N PRO A 16 5.20 10.26 -26.73
CA PRO A 16 5.71 11.62 -26.92
C PRO A 16 7.02 11.62 -27.69
N PRO A 17 7.36 12.77 -28.31
CA PRO A 17 8.70 12.92 -28.86
C PRO A 17 9.67 13.42 -27.79
N GLY A 37 1.83 19.25 -6.57
CA GLY A 37 1.21 17.98 -6.14
C GLY A 37 0.84 17.08 -7.32
N ARG A 38 1.63 17.21 -8.37
CA ARG A 38 1.46 16.47 -9.64
C ARG A 38 2.65 15.52 -9.86
N VAL A 39 2.36 14.24 -10.06
CA VAL A 39 3.37 13.20 -10.07
C VAL A 39 3.58 12.60 -11.48
N LEU A 40 4.62 11.78 -11.60
CA LEU A 40 4.93 11.08 -12.86
C LEU A 40 3.72 10.26 -13.39
N GLN A 41 2.95 9.68 -12.48
CA GLN A 41 1.74 8.90 -12.85
CA GLN A 41 1.81 8.89 -12.89
C GLN A 41 0.70 9.74 -13.59
N ASP A 42 0.69 11.07 -13.35
CA ASP A 42 -0.23 11.99 -14.05
C ASP A 42 0.23 12.31 -15.45
N VAL A 43 1.54 12.31 -15.66
CA VAL A 43 2.09 12.44 -16.99
C VAL A 43 1.71 11.19 -17.79
N PHE A 44 1.86 10.01 -17.16
CA PHE A 44 1.42 8.77 -17.78
C PHE A 44 -0.05 8.82 -18.17
N LEU A 45 -0.88 9.39 -17.31
CA LEU A 45 -2.31 9.55 -17.60
C LEU A 45 -2.55 10.41 -18.82
N ASP A 46 -1.89 11.57 -18.87
CA ASP A 46 -1.98 12.48 -20.02
C ASP A 46 -1.61 11.75 -21.31
N TRP A 47 -0.51 11.01 -21.22
CA TRP A 47 0.01 10.28 -22.38
C TRP A 47 -0.92 9.14 -22.82
N ALA A 48 -1.47 8.40 -21.86
CA ALA A 48 -2.44 7.34 -22.19
C ALA A 48 -3.66 7.94 -22.90
N LYS A 49 -4.20 9.04 -22.40
CA LYS A 49 -5.35 9.68 -23.02
C LYS A 49 -5.05 10.20 -24.41
N LYS A 50 -3.87 10.75 -24.60
CA LYS A 50 -3.47 11.33 -25.88
C LYS A 50 -3.02 10.28 -26.91
N TYR A 51 -2.31 9.24 -26.47
CA TYR A 51 -1.67 8.30 -27.40
C TYR A 51 -2.28 6.88 -27.43
N GLY A 52 -3.23 6.61 -26.54
CA GLY A 52 -3.97 5.35 -26.58
C GLY A 52 -3.53 4.28 -25.57
N PRO A 53 -3.93 3.03 -25.80
CA PRO A 53 -3.81 1.96 -24.81
C PRO A 53 -2.43 1.30 -24.70
N VAL A 54 -1.50 1.65 -25.58
CA VAL A 54 -0.13 1.12 -25.57
C VAL A 54 0.84 2.25 -25.91
N VAL A 55 1.59 2.71 -24.91
CA VAL A 55 2.44 3.90 -25.08
C VAL A 55 3.86 3.69 -24.57
N ARG A 56 4.83 4.12 -25.36
CA ARG A 56 6.25 4.06 -25.01
C ARG A 56 6.61 5.15 -24.01
N VAL A 57 7.30 4.78 -22.92
CA VAL A 57 7.74 5.74 -21.89
C VAL A 57 9.18 5.53 -21.38
N ASN A 58 9.59 6.31 -20.38
CA ASN A 58 10.85 6.09 -19.65
C ASN A 58 10.62 5.92 -18.13
N VAL A 59 11.02 4.76 -17.61
CA VAL A 59 11.01 4.47 -16.19
C VAL A 59 12.31 3.76 -15.85
N PHE A 60 13.03 4.24 -14.84
CA PHE A 60 14.29 3.63 -14.39
C PHE A 60 15.29 3.48 -15.54
N HIS A 61 15.30 4.45 -16.45
CA HIS A 61 16.25 4.50 -17.57
C HIS A 61 16.16 3.28 -18.51
N LYS A 62 15.00 2.61 -18.53
CA LYS A 62 14.72 1.57 -19.50
C LYS A 62 13.40 1.94 -20.17
N THR A 63 13.30 1.69 -21.47
CA THR A 63 12.07 1.93 -22.20
C THR A 63 11.07 0.86 -21.80
N SER A 64 9.94 1.31 -21.31
CA SER A 64 8.81 0.43 -21.06
C SER A 64 7.58 0.88 -21.83
N VAL A 65 6.54 0.06 -21.80
CA VAL A 65 5.32 0.31 -22.53
C VAL A 65 4.18 0.28 -21.51
N ILE A 66 3.42 1.36 -21.42
CA ILE A 66 2.27 1.41 -20.52
C ILE A 66 1.04 0.90 -21.25
N VAL A 67 0.45 -0.14 -20.67
CA VAL A 67 -0.71 -0.83 -21.26
CA VAL A 67 -0.72 -0.79 -21.28
C VAL A 67 -1.94 -0.54 -20.42
N THR A 68 -2.95 0.09 -21.02
CA THR A 68 -4.14 0.51 -20.30
C THR A 68 -5.47 -0.01 -20.84
N SER A 69 -5.49 -1.08 -21.62
CA SER A 69 -6.80 -1.65 -21.97
C SER A 69 -7.12 -2.74 -20.95
N PRO A 70 -8.40 -2.92 -20.59
CA PRO A 70 -8.74 -4.02 -19.69
C PRO A 70 -8.48 -5.40 -20.29
N GLU A 71 -8.53 -5.50 -21.61
CA GLU A 71 -8.22 -6.76 -22.30
C GLU A 71 -6.77 -7.19 -22.00
N SER A 72 -5.84 -6.24 -22.07
CA SER A 72 -4.44 -6.50 -21.76
C SER A 72 -4.23 -6.73 -20.26
N VAL A 73 -4.97 -6.02 -19.41
CA VAL A 73 -4.86 -6.28 -17.97
C VAL A 73 -5.19 -7.73 -17.67
N LYS A 74 -6.29 -8.21 -18.24
CA LYS A 74 -6.73 -9.58 -18.05
C LYS A 74 -5.70 -10.56 -18.58
N LYS A 75 -5.23 -10.34 -19.80
CA LYS A 75 -4.30 -11.27 -20.45
C LYS A 75 -3.03 -11.46 -19.66
N PHE A 76 -2.42 -10.35 -19.26
CA PHE A 76 -1.08 -10.40 -18.69
C PHE A 76 -1.05 -10.63 -17.19
N LEU A 77 -2.02 -10.08 -16.45
CA LEU A 77 -2.02 -10.24 -14.99
C LEU A 77 -2.66 -11.53 -14.55
N MET A 78 -3.64 -12.05 -15.30
CA MET A 78 -4.32 -13.28 -14.90
C MET A 78 -3.67 -14.54 -15.43
N SER A 79 -2.36 -14.55 -15.68
CA SER A 79 -1.71 -15.74 -16.20
C SER A 79 -0.37 -15.95 -15.55
N THR A 80 0.00 -17.20 -15.27
CA THR A 80 1.32 -17.51 -14.74
C THR A 80 2.38 -17.60 -15.84
N LYS A 81 1.95 -17.51 -17.09
CA LYS A 81 2.87 -17.37 -18.22
C LYS A 81 3.69 -16.09 -18.14
N TYR A 82 3.10 -15.03 -17.60
CA TYR A 82 3.78 -13.75 -17.54
C TYR A 82 4.29 -13.47 -16.12
N ASN A 83 5.59 -13.24 -16.03
CA ASN A 83 6.24 -12.98 -14.76
C ASN A 83 6.69 -11.52 -14.62
N LYS A 84 7.02 -11.14 -13.40
CA LYS A 84 7.51 -9.78 -13.13
C LYS A 84 8.82 -9.54 -13.83
N ASP A 85 9.05 -8.28 -14.21
CA ASP A 85 10.28 -7.90 -14.89
C ASP A 85 11.32 -7.51 -13.87
N SER A 86 12.37 -8.33 -13.74
CA SER A 86 13.39 -8.12 -12.71
C SER A 86 14.14 -6.80 -12.85
N LYS A 87 14.32 -6.32 -14.08
CA LYS A 87 15.01 -5.05 -14.28
C LYS A 87 14.20 -3.89 -13.71
N MET A 88 12.86 -3.98 -13.75
CA MET A 88 12.05 -2.92 -13.14
C MET A 88 12.03 -3.01 -11.60
N TYR A 89 12.11 -4.22 -11.06
CA TYR A 89 12.12 -4.40 -9.60
C TYR A 89 13.51 -4.23 -8.96
N ARG A 90 14.55 -4.11 -9.77
CA ARG A 90 15.91 -3.84 -9.29
C ARG A 90 15.94 -2.64 -8.33
N ALA A 91 15.14 -1.62 -8.64
CA ALA A 91 15.02 -0.43 -7.80
C ALA A 91 14.49 -0.72 -6.39
N LEU A 92 13.74 -1.80 -6.22
CA LEU A 92 13.34 -2.27 -4.89
C LEU A 92 14.35 -3.23 -4.29
N GLN A 93 15.07 -3.98 -5.13
CA GLN A 93 15.97 -5.04 -4.64
C GLN A 93 17.17 -4.45 -3.89
N THR A 94 17.77 -3.43 -4.49
CA THR A 94 18.96 -2.77 -3.99
C THR A 94 18.83 -1.28 -4.28
N VAL A 95 19.33 -0.45 -3.37
CA VAL A 95 19.32 1.00 -3.56
C VAL A 95 20.68 1.57 -3.22
N PHE A 96 21.31 2.18 -4.22
CA PHE A 96 22.68 2.69 -4.10
C PHE A 96 23.66 1.67 -3.50
N GLY A 97 23.56 0.42 -3.95
CA GLY A 97 24.49 -0.63 -3.53
C GLY A 97 24.13 -1.29 -2.21
N GLU A 98 22.99 -0.94 -1.62
CA GLU A 98 22.54 -1.55 -0.37
C GLU A 98 21.30 -2.39 -0.59
N ARG A 99 21.40 -3.66 -0.22
CA ARG A 99 20.32 -4.62 -0.38
C ARG A 99 19.13 -4.21 0.47
N LEU A 100 17.95 -4.12 -0.16
CA LEU A 100 16.76 -3.60 0.49
C LEU A 100 15.69 -4.68 0.55
N PHE A 101 14.84 -4.78 -0.47
CA PHE A 101 13.85 -5.87 -0.56
C PHE A 101 14.47 -7.18 -1.09
N GLY A 102 15.64 -7.08 -1.73
CA GLY A 102 16.34 -8.24 -2.27
C GLY A 102 15.43 -9.20 -3.02
N GLN A 103 15.43 -10.47 -2.63
CA GLN A 103 14.64 -11.49 -3.30
C GLN A 103 13.48 -11.94 -2.41
N GLY A 104 12.95 -11.00 -1.64
CA GLY A 104 11.76 -11.24 -0.85
C GLY A 104 10.54 -11.35 -1.73
N LEU A 105 9.37 -11.45 -1.10
CA LEU A 105 8.17 -11.92 -1.79
C LEU A 105 7.67 -10.97 -2.89
N VAL A 106 7.90 -9.67 -2.75
CA VAL A 106 7.49 -8.68 -3.77
C VAL A 106 8.42 -8.69 -4.95
N SER A 107 9.71 -8.74 -4.67
CA SER A 107 10.70 -8.41 -5.66
C SER A 107 11.35 -9.64 -6.29
N GLU A 108 10.99 -10.83 -5.82
CA GLU A 108 11.41 -12.09 -6.46
C GLU A 108 10.67 -12.27 -7.78
N CYS A 109 11.42 -12.50 -8.87
CA CYS A 109 10.83 -12.54 -10.20
C CYS A 109 10.83 -13.95 -10.84
N ASN A 110 11.65 -14.85 -10.33
CA ASN A 110 11.58 -16.27 -10.70
C ASN A 110 10.35 -16.95 -10.09
N TYR A 111 9.47 -17.47 -10.94
CA TYR A 111 8.19 -18.07 -10.51
C TYR A 111 8.38 -19.14 -9.44
N GLU A 112 9.34 -20.02 -9.64
CA GLU A 112 9.46 -21.17 -8.77
C GLU A 112 9.95 -20.78 -7.36
N ARG A 113 10.85 -19.82 -7.30
CA ARG A 113 11.35 -19.31 -6.02
C ARG A 113 10.25 -18.50 -5.30
N TRP A 114 9.51 -17.70 -6.07
CA TRP A 114 8.36 -16.95 -5.56
C TRP A 114 7.31 -17.89 -4.95
N HIS A 115 6.99 -18.95 -5.69
CA HIS A 115 5.87 -19.84 -5.39
C HIS A 115 6.13 -20.59 -4.09
N LYS A 116 7.36 -21.06 -3.93
CA LYS A 116 7.82 -21.67 -2.67
C LYS A 116 7.55 -20.79 -1.45
N GLN A 117 8.01 -19.53 -1.48
CA GLN A 117 7.82 -18.64 -0.33
C GLN A 117 6.38 -18.16 -0.19
N ARG A 118 5.67 -17.95 -1.28
CA ARG A 118 4.29 -17.49 -1.19
C ARG A 118 3.43 -18.49 -0.40
N ARG A 119 3.58 -19.78 -0.73
CA ARG A 119 2.73 -20.82 -0.18
C ARG A 119 2.94 -21.06 1.32
N VAL A 120 4.19 -20.89 1.76
CA VAL A 120 4.52 -21.00 3.16
C VAL A 120 4.00 -19.78 3.93
N ILE A 121 4.22 -18.59 3.39
CA ILE A 121 3.83 -17.37 4.07
C ILE A 121 2.29 -17.19 4.06
N ASP A 122 1.62 -17.69 3.02
CA ASP A 122 0.15 -17.76 2.97
C ASP A 122 -0.52 -18.19 4.29
N LEU A 123 0.13 -19.10 5.02
CA LEU A 123 -0.45 -19.64 6.27
C LEU A 123 -0.69 -18.56 7.33
N ALA A 124 0.08 -17.47 7.28
CA ALA A 124 -0.08 -16.38 8.25
C ALA A 124 -1.25 -15.46 7.87
N PHE A 125 -1.81 -15.64 6.67
CA PHE A 125 -2.93 -14.84 6.22
C PHE A 125 -4.20 -15.68 6.03
N SER A 126 -4.27 -16.83 6.67
CA SER A 126 -5.49 -17.61 6.68
C SER A 126 -6.57 -16.84 7.44
N ARG A 127 -7.81 -17.21 7.14
CA ARG A 127 -8.97 -16.70 7.81
C ARG A 127 -8.76 -16.64 9.35
N SER A 128 -8.38 -17.76 9.97
CA SER A 128 -8.25 -17.77 11.43
C SER A 128 -7.02 -16.98 11.94
N SER A 129 -5.92 -16.96 11.20
CA SER A 129 -4.80 -16.10 11.54
C SER A 129 -5.26 -14.64 11.63
N LEU A 130 -6.00 -14.20 10.63
CA LEU A 130 -6.44 -12.81 10.54
C LEU A 130 -7.48 -12.44 11.60
N VAL A 131 -8.45 -13.32 11.85
CA VAL A 131 -9.42 -13.05 12.88
C VAL A 131 -8.70 -12.81 14.23
N SER A 132 -7.65 -13.57 14.53
CA SER A 132 -6.94 -13.43 15.81
C SER A 132 -6.15 -12.10 15.92
N LEU A 133 -6.06 -11.35 14.83
CA LEU A 133 -5.41 -10.04 14.86
C LEU A 133 -6.38 -8.91 15.21
N MET A 134 -7.66 -9.23 15.37
CA MET A 134 -8.65 -8.19 15.67
C MET A 134 -8.34 -7.41 16.94
N GLU A 135 -7.76 -8.06 17.96
CA GLU A 135 -7.41 -7.39 19.21
C GLU A 135 -6.34 -6.33 19.00
N THR A 136 -5.27 -6.70 18.29
CA THR A 136 -4.20 -5.77 17.95
C THR A 136 -4.76 -4.58 17.18
N PHE A 137 -5.56 -4.84 16.13
CA PHE A 137 -6.18 -3.77 15.37
C PHE A 137 -7.03 -2.85 16.27
N ASN A 138 -7.91 -3.42 17.08
CA ASN A 138 -8.72 -2.61 17.99
C ASN A 138 -7.87 -1.85 19.02
N GLU A 139 -6.82 -2.47 19.54
CA GLU A 139 -6.02 -1.84 20.59
C GLU A 139 -5.27 -0.62 20.09
N LYS A 140 -4.59 -0.74 18.96
CA LYS A 140 -3.88 0.39 18.37
C LYS A 140 -4.83 1.50 17.88
N ALA A 141 -5.97 1.10 17.32
CA ALA A 141 -6.99 2.06 16.88
C ALA A 141 -7.53 2.86 18.05
N GLU A 142 -7.79 2.16 19.16
CA GLU A 142 -8.29 2.82 20.37
C GLU A 142 -7.24 3.75 20.96
N GLN A 143 -5.96 3.35 20.91
CA GLN A 143 -4.88 4.20 21.40
C GLN A 143 -4.79 5.47 20.57
N LEU A 144 -4.80 5.34 19.24
CA LEU A 144 -4.80 6.50 18.35
C LEU A 144 -5.94 7.49 18.68
N VAL A 145 -7.15 6.95 18.78
CA VAL A 145 -8.33 7.77 19.02
C VAL A 145 -8.25 8.50 20.37
N GLU A 146 -7.76 7.84 21.40
CA GLU A 146 -7.62 8.48 22.72
C GLU A 146 -6.59 9.63 22.67
N ILE A 147 -5.51 9.42 21.93
CA ILE A 147 -4.51 10.47 21.70
C ILE A 147 -5.14 11.66 20.95
N LEU A 148 -5.92 11.37 19.92
CA LEU A 148 -6.58 12.39 19.10
C LEU A 148 -7.67 13.14 19.87
N GLU A 149 -8.48 12.42 20.66
CA GLU A 149 -9.51 13.04 21.50
C GLU A 149 -8.98 14.09 22.44
N ALA A 150 -7.81 13.81 23.03
CA ALA A 150 -7.17 14.78 23.92
C ALA A 150 -6.76 16.10 23.21
N LYS A 151 -6.59 16.05 21.89
CA LYS A 151 -6.18 17.21 21.08
C LYS A 151 -7.36 17.87 20.37
N ALA A 152 -8.57 17.36 20.61
CA ALA A 152 -9.75 17.74 19.84
C ALA A 152 -10.39 19.04 20.33
N ASP A 153 -9.60 20.13 20.29
CA ASP A 153 -10.04 21.44 20.74
C ASP A 153 -10.47 22.38 19.62
N GLY A 154 -10.58 21.86 18.39
CA GLY A 154 -10.90 22.65 17.20
C GLY A 154 -9.89 23.72 16.81
N GLN A 155 -8.66 23.61 17.34
CA GLN A 155 -7.63 24.65 17.16
C GLN A 155 -6.24 24.04 16.90
N THR A 156 -5.84 23.06 17.71
CA THR A 156 -4.53 22.40 17.57
C THR A 156 -4.42 21.65 16.25
N PRO A 157 -3.42 22.02 15.41
CA PRO A 157 -3.24 21.32 14.15
C PRO A 157 -2.59 19.96 14.37
N VAL A 158 -3.20 18.93 13.81
CA VAL A 158 -2.74 17.56 13.97
C VAL A 158 -2.43 16.95 12.60
N SER A 159 -1.20 16.46 12.43
CA SER A 159 -0.85 15.77 11.17
C SER A 159 -1.46 14.39 11.14
N MET A 160 -2.52 14.22 10.39
CA MET A 160 -3.17 12.92 10.31
C MET A 160 -2.29 11.92 9.52
N GLN A 161 -1.52 12.39 8.55
CA GLN A 161 -0.54 11.52 7.90
C GLN A 161 0.43 10.88 8.93
N ASP A 162 1.04 11.70 9.77
CA ASP A 162 1.94 11.17 10.78
C ASP A 162 1.23 10.23 11.77
N MET A 163 0.09 10.66 12.30
CA MET A 163 -0.64 9.88 13.28
C MET A 163 -1.07 8.51 12.73
N LEU A 164 -1.51 8.49 11.48
CA LEU A 164 -1.94 7.24 10.86
C LEU A 164 -0.78 6.34 10.50
N THR A 165 0.36 6.94 10.13
CA THR A 165 1.59 6.20 9.86
C THR A 165 2.08 5.50 11.15
N TYR A 166 2.03 6.19 12.28
CA TYR A 166 2.48 5.61 13.57
C TYR A 166 1.57 4.44 13.96
N THR A 167 0.28 4.61 13.69
CA THR A 167 -0.71 3.58 14.02
C THR A 167 -0.49 2.35 13.15
N ALA A 168 -0.28 2.56 11.86
CA ALA A 168 -0.02 1.45 10.93
C ALA A 168 1.26 0.68 11.31
N MET A 169 2.30 1.40 11.65
CA MET A 169 3.57 0.79 12.08
C MET A 169 3.41 -0.03 13.36
N ASP A 170 2.74 0.54 14.37
CA ASP A 170 2.53 -0.13 15.66
C ASP A 170 1.72 -1.40 15.47
N ILE A 171 0.67 -1.29 14.66
CA ILE A 171 -0.11 -2.47 14.29
C ILE A 171 0.78 -3.52 13.59
N LEU A 172 1.53 -3.10 12.56
CA LEU A 172 2.32 -4.09 11.78
C LEU A 172 3.39 -4.79 12.66
N ALA A 173 4.13 -4.00 13.42
CA ALA A 173 5.21 -4.50 14.26
C ALA A 173 4.68 -5.56 15.23
N LYS A 174 3.55 -5.27 15.83
CA LYS A 174 2.96 -6.17 16.80
C LYS A 174 2.38 -7.39 16.09
N ALA A 175 1.56 -7.13 15.07
CA ALA A 175 0.86 -8.18 14.32
C ALA A 175 1.80 -9.17 13.63
N ALA A 176 2.76 -8.65 12.87
CA ALA A 176 3.69 -9.48 12.09
C ALA A 176 4.85 -10.03 12.90
N PHE A 177 5.37 -9.25 13.85
CA PHE A 177 6.64 -9.57 14.51
C PHE A 177 6.59 -9.71 16.03
N GLY A 178 5.42 -9.52 16.64
CA GLY A 178 5.31 -9.55 18.10
C GLY A 178 6.13 -8.49 18.83
N MET A 179 6.44 -7.38 18.18
CA MET A 179 7.18 -6.30 18.81
C MET A 179 6.34 -5.06 19.05
N GLU A 180 6.68 -4.31 20.10
CA GLU A 180 6.03 -3.01 20.39
C GLU A 180 6.92 -1.85 19.97
N THR A 181 6.64 -1.21 18.85
CA THR A 181 7.43 -0.06 18.41
C THR A 181 7.10 1.20 19.24
N SER A 182 5.87 1.30 19.71
CA SER A 182 5.34 2.45 20.47
C SER A 182 5.51 3.82 19.80
N MET A 183 5.34 3.88 18.49
CA MET A 183 5.48 5.15 17.76
C MET A 183 4.40 6.15 18.16
N LEU A 184 3.22 5.63 18.51
CA LEU A 184 2.13 6.46 19.03
C LEU A 184 2.46 7.11 20.38
N LEU A 185 3.43 6.54 21.10
CA LEU A 185 3.96 7.16 22.31
C LEU A 185 5.16 8.10 22.05
N GLY A 186 5.48 8.34 20.79
CA GLY A 186 6.62 9.17 20.42
C GLY A 186 7.95 8.44 20.36
N ALA A 187 7.93 7.11 20.47
CA ALA A 187 9.16 6.31 20.36
C ALA A 187 9.59 6.09 18.89
N GLN A 188 10.83 5.63 18.75
CA GLN A 188 11.37 5.19 17.45
C GLN A 188 11.42 6.26 16.33
N LYS A 189 11.74 7.51 16.71
CA LYS A 189 11.98 8.56 15.72
C LYS A 189 13.05 8.17 14.68
N PRO A 190 14.20 7.63 15.13
CA PRO A 190 15.23 7.23 14.17
C PRO A 190 14.73 6.22 13.12
N LEU A 191 13.89 5.28 13.54
CA LEU A 191 13.29 4.33 12.62
C LEU A 191 12.42 5.03 11.59
N SER A 192 11.58 5.96 12.03
CA SER A 192 10.66 6.68 11.11
C SER A 192 11.45 7.53 10.14
N GLN A 193 12.59 8.04 10.56
CA GLN A 193 13.49 8.74 9.67
C GLN A 193 14.12 7.78 8.66
N ALA A 194 14.54 6.60 9.13
CA ALA A 194 15.15 5.59 8.27
C ALA A 194 14.19 5.22 7.15
N VAL A 195 12.94 4.95 7.52
CA VAL A 195 11.94 4.57 6.55
C VAL A 195 11.73 5.69 5.53
N LYS A 196 11.66 6.92 6.00
CA LYS A 196 11.37 8.04 5.12
C LYS A 196 12.50 8.21 4.10
N LEU A 197 13.74 8.19 4.56
CA LEU A 197 14.91 8.40 3.70
C LEU A 197 15.08 7.25 2.70
N MET A 198 14.73 6.04 3.14
CA MET A 198 14.82 4.88 2.28
C MET A 198 13.82 5.01 1.13
N LEU A 199 12.59 5.39 1.47
CA LEU A 199 11.53 5.55 0.47
C LEU A 199 11.89 6.60 -0.58
N GLU A 200 12.40 7.74 -0.12
CA GLU A 200 12.89 8.78 -1.03
C GLU A 200 13.98 8.22 -1.96
N GLY A 201 14.91 7.46 -1.41
CA GLY A 201 15.99 6.88 -2.21
C GLY A 201 15.52 5.98 -3.35
N ILE A 202 14.49 5.17 -3.11
CA ILE A 202 13.95 4.30 -4.16
C ILE A 202 13.65 5.14 -5.42
N THR A 203 12.83 6.17 -5.26
CA THR A 203 12.44 7.05 -6.37
C THR A 203 13.60 7.91 -6.89
N ALA A 204 14.54 8.25 -6.02
CA ALA A 204 15.70 9.09 -6.44
C ALA A 204 16.60 8.40 -7.45
N SER A 205 16.68 7.06 -7.39
CA SER A 205 17.62 6.30 -8.22
C SER A 205 17.17 6.15 -9.68
N ARG A 206 15.90 6.49 -9.95
CA ARG A 206 15.32 6.48 -11.31
C ARG A 206 16.27 6.94 -12.42
N LYS A 216 23.99 15.59 -2.54
CA LYS A 216 24.24 14.40 -3.34
C LYS A 216 25.01 13.36 -2.51
N ARG A 217 26.22 13.71 -2.13
CA ARG A 217 27.07 12.85 -1.29
C ARG A 217 26.39 12.50 0.04
N LYS A 218 25.78 13.51 0.66
CA LYS A 218 25.12 13.39 1.94
C LYS A 218 23.80 12.60 1.85
N GLN A 219 23.11 12.75 0.72
CA GLN A 219 21.89 11.98 0.46
C GLN A 219 22.24 10.51 0.33
N LEU A 220 23.29 10.21 -0.42
CA LEU A 220 23.73 8.81 -0.58
C LEU A 220 24.08 8.18 0.76
N ARG A 221 24.82 8.91 1.59
CA ARG A 221 25.16 8.47 2.96
C ARG A 221 23.93 8.19 3.82
N GLU A 222 22.96 9.10 3.78
CA GLU A 222 21.74 8.97 4.59
C GLU A 222 20.85 7.81 4.12
N VAL A 223 20.78 7.62 2.82
CA VAL A 223 19.96 6.55 2.28
C VAL A 223 20.57 5.20 2.65
N ARG A 224 21.85 5.04 2.37
CA ARG A 224 22.55 3.78 2.64
C ARG A 224 22.51 3.42 4.13
N GLU A 225 22.75 4.38 4.99
CA GLU A 225 22.74 4.11 6.42
C GLU A 225 21.34 3.68 6.87
N SER A 226 20.29 4.25 6.27
CA SER A 226 18.92 3.92 6.64
C SER A 226 18.53 2.49 6.29
N ILE A 227 18.95 2.06 5.11
CA ILE A 227 18.69 0.70 4.65
C ILE A 227 19.46 -0.30 5.55
N ARG A 228 20.74 -0.03 5.82
CA ARG A 228 21.52 -0.86 6.75
C ARG A 228 20.87 -0.91 8.15
N PHE A 229 20.30 0.21 8.59
CA PHE A 229 19.63 0.28 9.88
C PHE A 229 18.38 -0.64 9.89
N LEU A 230 17.56 -0.55 8.86
CA LEU A 230 16.37 -1.39 8.76
C LEU A 230 16.72 -2.90 8.78
N ARG A 231 17.75 -3.30 8.05
CA ARG A 231 18.19 -4.70 8.05
C ARG A 231 18.73 -5.13 9.40
N GLN A 232 19.39 -4.23 10.11
CA GLN A 232 19.93 -4.53 11.41
C GLN A 232 18.82 -4.66 12.45
N VAL A 233 17.79 -3.83 12.34
CA VAL A 233 16.60 -4.09 13.11
C VAL A 233 16.10 -5.52 12.85
N GLY A 234 16.09 -5.92 11.57
CA GLY A 234 15.74 -7.29 11.20
C GLY A 234 16.55 -8.34 11.94
N ARG A 235 17.87 -8.19 11.91
CA ARG A 235 18.75 -9.13 12.59
C ARG A 235 18.46 -9.19 14.08
N ASP A 236 18.19 -8.02 14.68
CA ASP A 236 17.95 -7.94 16.12
C ASP A 236 16.65 -8.65 16.52
N TRP A 237 15.58 -8.35 15.80
CA TRP A 237 14.26 -8.93 16.10
C TRP A 237 14.26 -10.45 15.80
N VAL A 238 14.95 -10.86 14.74
CA VAL A 238 15.10 -12.29 14.43
C VAL A 238 15.84 -13.03 15.55
N GLN A 239 16.92 -12.43 16.05
CA GLN A 239 17.71 -13.06 17.10
C GLN A 239 16.89 -13.17 18.38
N ARG A 240 16.15 -12.12 18.70
CA ARG A 240 15.24 -12.12 19.85
C ARG A 240 14.22 -13.25 19.76
N ARG A 241 13.61 -13.41 18.59
CA ARG A 241 12.65 -14.49 18.37
C ARG A 241 13.29 -15.87 18.55
N ARG A 242 14.51 -16.04 18.03
CA ARG A 242 15.24 -17.30 18.18
C ARG A 242 15.62 -17.58 19.63
N GLU A 243 16.03 -16.53 20.34
CA GLU A 243 16.30 -16.64 21.77
C GLU A 243 15.04 -17.00 22.57
N ALA A 244 13.92 -16.35 22.27
CA ALA A 244 12.65 -16.69 22.91
C ALA A 244 12.33 -18.17 22.73
N LEU A 245 12.43 -18.67 21.50
CA LEU A 245 12.17 -20.08 21.23
C LEU A 245 13.12 -20.99 22.00
N LYS A 246 14.41 -20.64 22.04
CA LYS A 246 15.41 -21.44 22.77
C LYS A 246 15.10 -21.54 24.26
N ARG A 247 14.77 -20.41 24.88
CA ARG A 247 14.41 -20.39 26.31
C ARG A 247 13.02 -21.00 26.59
N GLY A 248 12.30 -21.39 25.54
CA GLY A 248 11.00 -22.04 25.68
C GLY A 248 9.87 -21.14 26.13
N GLU A 249 9.87 -19.91 25.63
CA GLU A 249 8.82 -18.95 25.96
C GLU A 249 7.69 -19.12 24.96
N GLU A 250 6.54 -18.52 25.24
CA GLU A 250 5.43 -18.60 24.31
C GLU A 250 5.69 -17.61 23.18
N VAL A 251 5.57 -18.11 21.95
CA VAL A 251 5.69 -17.28 20.76
C VAL A 251 4.47 -17.52 19.87
N PRO A 252 3.53 -16.54 19.83
CA PRO A 252 2.36 -16.65 18.95
C PRO A 252 2.76 -16.69 17.48
N ALA A 253 2.21 -17.65 16.73
CA ALA A 253 2.50 -17.83 15.32
C ALA A 253 2.06 -16.60 14.52
N ASP A 254 3.02 -16.00 13.82
CA ASP A 254 2.78 -14.79 13.08
C ASP A 254 3.51 -14.84 11.72
N ILE A 255 3.46 -13.73 10.99
CA ILE A 255 4.18 -13.60 9.73
C ILE A 255 5.66 -13.97 9.91
N LEU A 256 6.27 -13.52 10.99
CA LEU A 256 7.66 -13.85 11.23
C LEU A 256 7.89 -15.36 11.29
N THR A 257 6.98 -16.07 11.95
CA THR A 257 7.08 -17.54 12.03
C THR A 257 7.18 -18.16 10.65
N GLN A 258 6.33 -17.73 9.72
CA GLN A 258 6.33 -18.32 8.37
C GLN A 258 7.52 -17.87 7.53
N ILE A 259 7.96 -16.62 7.73
CA ILE A 259 9.14 -16.12 7.05
C ILE A 259 10.38 -16.93 7.45
N LEU A 260 10.47 -17.27 8.74
CA LEU A 260 11.55 -18.12 9.23
C LEU A 260 11.42 -19.52 8.62
N LYS A 261 10.19 -20.01 8.54
CA LYS A 261 9.89 -21.33 7.99
C LYS A 261 10.31 -21.39 6.54
N ALA A 262 10.05 -20.32 5.79
CA ALA A 262 10.39 -20.28 4.37
C ALA A 262 11.90 -20.45 4.10
N GLU A 263 12.72 -20.14 5.11
CA GLU A 263 14.19 -20.21 5.00
C GLU A 263 14.80 -21.38 5.75
N GLU A 264 14.00 -22.40 6.08
CA GLU A 264 14.40 -23.45 7.04
C GLU A 264 15.79 -24.10 6.86
N GLY A 265 16.33 -24.10 5.65
CA GLY A 265 17.68 -24.67 5.44
C GLY A 265 18.52 -23.90 4.45
N ALA A 266 18.30 -22.58 4.41
CA ALA A 266 19.10 -21.68 3.58
C ALA A 266 20.54 -21.62 4.08
N GLN A 267 21.46 -21.22 3.20
CA GLN A 267 22.88 -21.15 3.57
C GLN A 267 23.20 -19.91 4.41
N ASP A 268 22.38 -18.88 4.30
CA ASP A 268 22.55 -17.66 5.12
C ASP A 268 21.18 -17.03 5.48
N ASP A 269 21.21 -15.94 6.23
CA ASP A 269 19.97 -15.25 6.60
C ASP A 269 19.54 -14.16 5.63
N GLU A 270 20.23 -13.97 4.50
CA GLU A 270 19.89 -12.84 3.62
C GLU A 270 18.45 -12.89 3.12
N GLY A 271 18.00 -14.08 2.74
CA GLY A 271 16.61 -14.28 2.32
C GLY A 271 15.62 -13.95 3.41
N LEU A 272 15.94 -14.37 4.63
CA LEU A 272 15.15 -14.03 5.81
C LEU A 272 15.08 -12.50 5.98
N LEU A 273 16.22 -11.82 5.88
CA LEU A 273 16.25 -10.37 6.09
C LEU A 273 15.51 -9.63 4.96
N ASP A 274 15.61 -10.17 3.73
CA ASP A 274 14.87 -9.61 2.58
C ASP A 274 13.38 -9.59 2.89
N ASN A 275 12.84 -10.71 3.35
CA ASN A 275 11.42 -10.75 3.72
C ASN A 275 11.06 -9.92 4.97
N PHE A 276 11.96 -9.86 5.95
CA PHE A 276 11.71 -9.02 7.11
C PHE A 276 11.48 -7.60 6.67
N VAL A 277 12.42 -7.08 5.88
CA VAL A 277 12.34 -5.69 5.44
C VAL A 277 11.15 -5.46 4.53
N THR A 278 10.92 -6.42 3.65
CA THR A 278 9.77 -6.33 2.75
C THR A 278 8.45 -6.19 3.51
N PHE A 279 8.20 -7.09 4.46
CA PHE A 279 6.93 -7.05 5.19
C PHE A 279 6.93 -5.88 6.18
N PHE A 280 8.08 -5.54 6.75
CA PHE A 280 8.14 -4.39 7.67
C PHE A 280 7.71 -3.11 6.96
N ILE A 281 8.14 -2.94 5.71
CA ILE A 281 7.78 -1.75 4.95
C ILE A 281 6.42 -1.90 4.30
N ALA A 282 6.22 -2.97 3.54
CA ALA A 282 4.99 -3.14 2.73
C ALA A 282 3.79 -3.26 3.65
N GLY A 283 4.03 -3.79 4.85
CA GLY A 283 2.95 -4.03 5.80
C GLY A 283 2.38 -2.81 6.50
N HIS A 284 3.05 -1.67 6.41
CA HIS A 284 2.46 -0.43 6.95
C HIS A 284 2.41 0.77 5.99
N GLU A 285 3.32 0.87 5.02
CA GLU A 285 3.43 2.12 4.25
C GLU A 285 2.13 2.46 3.48
N THR A 286 1.63 1.48 2.73
CA THR A 286 0.47 1.68 1.90
C THR A 286 -0.83 1.72 2.69
N SER A 287 -0.92 0.97 3.79
CA SER A 287 -2.08 1.11 4.68
C SER A 287 -2.13 2.55 5.24
N ALA A 288 -0.99 3.07 5.65
CA ALA A 288 -0.87 4.43 6.13
C ALA A 288 -1.32 5.44 5.06
N ASN A 289 -0.77 5.31 3.85
CA ASN A 289 -1.08 6.18 2.72
C ASN A 289 -2.60 6.16 2.42
N HIS A 290 -3.16 4.97 2.40
CA HIS A 290 -4.58 4.74 2.12
C HIS A 290 -5.46 5.43 3.16
N LEU A 291 -5.13 5.26 4.43
CA LEU A 291 -5.79 5.98 5.50
C LEU A 291 -5.70 7.52 5.36
N ALA A 292 -4.51 8.03 5.09
CA ALA A 292 -4.27 9.45 4.95
C ALA A 292 -5.07 10.04 3.78
N PHE A 293 -5.06 9.34 2.64
CA PHE A 293 -5.81 9.78 1.45
C PHE A 293 -7.31 9.84 1.77
N THR A 294 -7.80 8.79 2.42
CA THR A 294 -9.22 8.73 2.78
C THR A 294 -9.61 9.88 3.73
N VAL A 295 -8.88 10.05 4.81
CA VAL A 295 -9.16 11.18 5.71
C VAL A 295 -9.08 12.53 4.98
N MET A 296 -8.05 12.71 4.15
CA MET A 296 -7.93 13.92 3.34
C MET A 296 -9.18 14.16 2.46
N GLU A 297 -9.56 13.16 1.68
CA GLU A 297 -10.70 13.31 0.76
C GLU A 297 -11.99 13.54 1.52
N LEU A 298 -12.18 12.78 2.58
CA LEU A 298 -13.42 12.89 3.36
C LEU A 298 -13.57 14.27 4.00
N SER A 299 -12.45 14.98 4.22
CA SER A 299 -12.50 16.35 4.75
C SER A 299 -13.30 17.33 3.86
N ARG A 300 -13.45 17.03 2.57
CA ARG A 300 -14.31 17.86 1.71
C ARG A 300 -15.58 17.15 1.22
N GLN A 301 -16.04 16.16 1.99
CA GLN A 301 -17.21 15.37 1.64
C GLN A 301 -18.12 15.26 2.86
N PRO A 302 -18.65 16.39 3.35
CA PRO A 302 -19.38 16.31 4.63
C PRO A 302 -20.59 15.40 4.59
N GLU A 303 -21.27 15.34 3.45
CA GLU A 303 -22.45 14.48 3.30
C GLU A 303 -22.09 13.00 3.41
N ILE A 304 -21.02 12.60 2.74
CA ILE A 304 -20.54 11.23 2.87
C ILE A 304 -20.08 10.94 4.32
N VAL A 305 -19.43 11.92 4.95
CA VAL A 305 -19.01 11.76 6.35
C VAL A 305 -20.20 11.54 7.28
N ALA A 306 -21.27 12.31 7.10
CA ALA A 306 -22.46 12.15 7.92
C ALA A 306 -23.07 10.76 7.72
N ARG A 307 -23.06 10.26 6.48
CA ARG A 307 -23.56 8.89 6.20
C ARG A 307 -22.71 7.82 6.87
N LEU A 308 -21.39 8.04 6.87
CA LEU A 308 -20.44 7.12 7.50
C LEU A 308 -20.58 7.14 9.01
N GLN A 309 -20.73 8.33 9.59
CA GLN A 309 -20.97 8.46 11.03
C GLN A 309 -22.26 7.74 11.43
N ALA A 310 -23.31 7.88 10.63
CA ALA A 310 -24.59 7.22 10.87
C ALA A 310 -24.50 5.67 10.78
N GLU A 311 -23.74 5.15 9.82
CA GLU A 311 -23.54 3.71 9.69
C GLU A 311 -22.79 3.15 10.89
N VAL A 312 -21.71 3.82 11.29
CA VAL A 312 -20.93 3.34 12.43
C VAL A 312 -21.77 3.40 13.71
N ASP A 313 -22.59 4.43 13.86
CA ASP A 313 -23.45 4.53 15.05
C ASP A 313 -24.46 3.35 15.08
N GLU A 314 -24.99 2.96 13.92
CA GLU A 314 -26.00 1.90 13.86
C GLU A 314 -25.38 0.50 14.02
N VAL A 315 -24.21 0.27 13.44
CA VAL A 315 -23.64 -1.07 13.49
C VAL A 315 -22.97 -1.36 14.85
N ILE A 316 -22.10 -0.48 15.32
CA ILE A 316 -21.36 -0.75 16.55
C ILE A 316 -21.76 0.05 17.78
N GLY A 317 -22.61 1.07 17.61
CA GLY A 317 -23.09 1.87 18.74
C GLY A 317 -21.95 2.51 19.50
N SER A 318 -21.87 2.23 20.80
CA SER A 318 -20.78 2.75 21.65
C SER A 318 -19.72 1.70 21.99
N LYS A 319 -19.87 0.47 21.49
CA LYS A 319 -18.84 -0.56 21.66
C LYS A 319 -17.46 0.04 21.40
N ARG A 320 -16.50 -0.32 22.24
CA ARG A 320 -15.13 0.14 22.09
C ARG A 320 -14.43 -0.79 21.09
N TYR A 321 -14.94 -2.00 20.96
CA TYR A 321 -14.30 -3.08 20.19
C TYR A 321 -15.18 -3.52 19.00
N LEU A 322 -14.62 -3.50 17.80
CA LEU A 322 -15.31 -4.07 16.63
C LEU A 322 -15.03 -5.56 16.52
N ASP A 323 -16.08 -6.36 16.42
CA ASP A 323 -15.95 -7.81 16.23
C ASP A 323 -15.71 -8.07 14.78
N PHE A 324 -15.20 -9.27 14.46
CA PHE A 324 -15.00 -9.60 13.05
C PHE A 324 -16.29 -9.44 12.23
N GLU A 325 -17.41 -9.93 12.75
CA GLU A 325 -18.68 -9.88 12.03
C GLU A 325 -19.18 -8.45 11.78
N ASP A 326 -18.77 -7.50 12.62
CA ASP A 326 -19.11 -6.08 12.41
C ASP A 326 -18.50 -5.52 11.13
N LEU A 327 -17.33 -6.01 10.73
CA LEU A 327 -16.63 -5.47 9.58
C LEU A 327 -17.43 -5.63 8.31
N GLY A 328 -18.13 -6.75 8.17
CA GLY A 328 -18.94 -7.00 7.00
C GLY A 328 -20.15 -6.08 6.94
N ARG A 329 -20.63 -5.65 8.10
CA ARG A 329 -21.81 -4.79 8.15
C ARG A 329 -21.52 -3.31 7.89
N LEU A 330 -20.25 -2.94 7.77
CA LEU A 330 -19.88 -1.56 7.48
C LEU A 330 -19.76 -1.41 5.95
N GLN A 331 -20.88 -1.65 5.28
CA GLN A 331 -20.94 -1.77 3.82
C GLN A 331 -20.60 -0.44 3.16
N TYR A 332 -21.19 0.65 3.64
CA TYR A 332 -20.94 1.94 3.02
C TYR A 332 -19.51 2.37 3.24
N LEU A 333 -18.97 2.07 4.44
CA LEU A 333 -17.56 2.29 4.66
C LEU A 333 -16.69 1.48 3.69
N SER A 334 -17.04 0.22 3.42
CA SER A 334 -16.28 -0.58 2.46
CA SER A 334 -16.28 -0.58 2.46
CA SER A 334 -16.30 -0.60 2.44
C SER A 334 -16.27 0.09 1.08
N GLN A 335 -17.41 0.65 0.68
CA GLN A 335 -17.53 1.29 -0.62
C GLN A 335 -16.69 2.56 -0.70
N VAL A 336 -16.72 3.35 0.37
CA VAL A 336 -15.87 4.54 0.47
C VAL A 336 -14.38 4.22 0.38
N LEU A 337 -13.93 3.15 1.04
CA LEU A 337 -12.50 2.78 0.97
C LEU A 337 -12.12 2.27 -0.45
N LYS A 338 -13.02 1.53 -1.09
CA LYS A 338 -12.79 1.13 -2.48
C LYS A 338 -12.65 2.35 -3.42
N GLU A 339 -13.50 3.35 -3.24
CA GLU A 339 -13.47 4.55 -4.08
C GLU A 339 -12.24 5.39 -3.78
N SER A 340 -11.79 5.40 -2.53
CA SER A 340 -10.52 6.04 -2.17
C SER A 340 -9.37 5.38 -2.93
N LEU A 341 -9.43 4.06 -3.08
CA LEU A 341 -8.35 3.34 -3.78
C LEU A 341 -8.43 3.50 -5.31
N ARG A 342 -9.62 3.78 -5.87
CA ARG A 342 -9.74 4.07 -7.31
C ARG A 342 -8.97 5.34 -7.65
N LEU A 343 -9.23 6.40 -6.90
CA LEU A 343 -8.60 7.71 -7.13
C LEU A 343 -7.19 7.84 -6.56
N TYR A 344 -6.94 7.14 -5.47
CA TYR A 344 -5.70 7.32 -4.73
C TYR A 344 -5.04 5.99 -4.37
N PRO A 345 -4.65 5.19 -5.38
CA PRO A 345 -4.00 3.90 -5.09
C PRO A 345 -2.54 4.15 -4.67
N PRO A 346 -2.17 3.83 -3.42
CA PRO A 346 -0.78 4.04 -3.02
C PRO A 346 0.19 3.18 -3.85
N ALA A 347 -0.18 1.92 -4.09
CA ALA A 347 0.58 1.03 -4.97
C ALA A 347 0.06 1.25 -6.38
N TRP A 348 0.80 2.02 -7.15
CA TRP A 348 0.24 2.58 -8.37
C TRP A 348 0.30 1.64 -9.56
N GLY A 349 1.21 0.66 -9.53
CA GLY A 349 1.49 -0.14 -10.69
C GLY A 349 2.28 -1.42 -10.48
N THR A 350 2.41 -2.17 -11.55
CA THR A 350 3.15 -3.42 -11.53
C THR A 350 3.69 -3.61 -12.92
N PHE A 351 4.76 -4.39 -13.02
CA PHE A 351 5.42 -4.64 -14.30
C PHE A 351 5.44 -6.13 -14.58
N ARG A 352 5.27 -6.50 -15.85
CA ARG A 352 5.49 -7.85 -16.28
C ARG A 352 6.43 -7.84 -17.47
N LEU A 353 7.22 -8.92 -17.62
CA LEU A 353 8.12 -9.07 -18.75
C LEU A 353 7.37 -9.68 -19.93
N LEU A 354 7.40 -8.99 -21.06
CA LEU A 354 6.96 -9.57 -22.32
C LEU A 354 8.18 -10.24 -22.94
N GLU A 355 8.17 -11.56 -23.04
CA GLU A 355 9.33 -12.27 -23.59
C GLU A 355 9.41 -12.29 -25.12
N GLU A 356 8.27 -12.49 -25.77
CA GLU A 356 8.22 -12.64 -27.23
C GLU A 356 7.45 -11.49 -27.84
N GLU A 357 7.89 -11.04 -29.00
CA GLU A 357 7.18 -9.98 -29.72
C GLU A 357 5.69 -10.36 -29.77
N THR A 358 4.83 -9.39 -29.46
CA THR A 358 3.39 -9.64 -29.33
C THR A 358 2.61 -8.43 -29.82
N LEU A 359 1.48 -8.70 -30.44
CA LEU A 359 0.55 -7.64 -30.85
C LEU A 359 -0.30 -7.30 -29.63
N ILE A 360 -0.21 -6.05 -29.16
CA ILE A 360 -0.99 -5.62 -27.99
C ILE A 360 -1.88 -4.45 -28.42
N ASP A 361 -3.20 -4.67 -28.42
CA ASP A 361 -4.20 -3.73 -28.96
C ASP A 361 -3.74 -3.01 -30.22
N GLY A 362 -3.37 -3.78 -31.23
CA GLY A 362 -3.06 -3.24 -32.55
C GLY A 362 -1.68 -2.62 -32.67
N VAL A 363 -0.84 -2.79 -31.64
CA VAL A 363 0.50 -2.26 -31.63
C VAL A 363 1.49 -3.39 -31.47
N ARG A 364 2.51 -3.39 -32.32
CA ARG A 364 3.59 -4.38 -32.28
C ARG A 364 4.55 -4.01 -31.15
N VAL A 365 4.60 -4.83 -30.11
CA VAL A 365 5.53 -4.62 -29.00
C VAL A 365 6.64 -5.68 -29.04
N PRO A 366 7.90 -5.25 -29.24
CA PRO A 366 9.03 -6.19 -29.31
C PRO A 366 9.22 -7.07 -28.09
N GLY A 367 9.87 -8.20 -28.27
CA GLY A 367 10.15 -9.10 -27.15
C GLY A 367 11.20 -8.50 -26.24
N ASN A 368 11.23 -8.97 -24.99
CA ASN A 368 12.11 -8.44 -23.94
C ASN A 368 11.80 -6.96 -23.67
N THR A 369 10.57 -6.73 -23.24
CA THR A 369 10.06 -5.39 -22.97
C THR A 369 9.24 -5.42 -21.68
N PRO A 370 9.50 -4.47 -20.77
CA PRO A 370 8.68 -4.37 -19.58
C PRO A 370 7.36 -3.71 -19.90
N LEU A 371 6.27 -4.33 -19.46
CA LEU A 371 4.94 -3.77 -19.61
C LEU A 371 4.50 -3.18 -18.26
N LEU A 372 4.05 -1.93 -18.29
CA LEU A 372 3.56 -1.26 -17.07
C LEU A 372 2.03 -1.23 -17.05
N PHE A 373 1.45 -1.75 -15.95
CA PHE A 373 0.02 -1.73 -15.70
C PHE A 373 -0.20 -0.79 -14.51
N SER A 374 -1.06 0.21 -14.68
CA SER A 374 -1.29 1.22 -13.65
C SER A 374 -2.76 1.45 -13.36
N THR A 375 -3.18 1.01 -12.17
CA THR A 375 -4.53 1.27 -11.68
C THR A 375 -4.78 2.76 -11.44
N TYR A 376 -3.71 3.53 -11.21
CA TYR A 376 -3.82 4.98 -11.09
C TYR A 376 -4.32 5.57 -12.40
N VAL A 377 -3.68 5.24 -13.50
CA VAL A 377 -4.03 5.81 -14.79
C VAL A 377 -5.46 5.41 -15.18
N MET A 378 -5.75 4.12 -15.11
CA MET A 378 -7.05 3.60 -15.53
C MET A 378 -8.19 4.16 -14.70
N GLY A 379 -7.95 4.30 -13.41
CA GLY A 379 -8.89 4.92 -12.51
C GLY A 379 -9.29 6.33 -12.88
N ARG A 380 -8.41 7.06 -13.56
CA ARG A 380 -8.69 8.45 -13.90
C ARG A 380 -9.07 8.68 -15.35
N MET A 381 -9.30 7.60 -16.09
CA MET A 381 -9.67 7.68 -17.50
C MET A 381 -11.18 7.62 -17.70
N ASP A 382 -11.72 8.60 -18.42
CA ASP A 382 -13.16 8.68 -18.61
C ASP A 382 -13.67 7.52 -19.48
N THR A 383 -12.78 6.86 -20.22
CA THR A 383 -13.18 5.68 -20.99
CA THR A 383 -13.13 5.67 -20.98
C THR A 383 -13.61 4.55 -20.04
N TYR A 384 -13.04 4.50 -18.84
CA TYR A 384 -13.34 3.43 -17.89
C TYR A 384 -14.24 3.85 -16.74
N PHE A 385 -14.16 5.12 -16.34
CA PHE A 385 -15.00 5.64 -15.26
C PHE A 385 -15.63 6.96 -15.63
N GLU A 386 -16.95 6.99 -15.72
CA GLU A 386 -17.69 8.26 -15.93
C GLU A 386 -17.32 9.26 -14.84
N ASP A 387 -17.04 10.51 -15.25
CA ASP A 387 -16.64 11.61 -14.35
C ASP A 387 -15.55 11.14 -13.38
N PRO A 388 -14.40 10.72 -13.92
CA PRO A 388 -13.40 9.97 -13.13
C PRO A 388 -12.90 10.70 -11.88
N LEU A 389 -12.88 12.03 -11.92
CA LEU A 389 -12.42 12.82 -10.79
C LEU A 389 -13.51 13.03 -9.71
N THR A 390 -14.75 12.61 -9.95
CA THR A 390 -15.77 12.72 -8.90
C THR A 390 -15.67 11.51 -7.94
N PHE A 391 -15.62 11.81 -6.64
CA PHE A 391 -15.59 10.79 -5.57
C PHE A 391 -17.02 10.34 -5.29
N ASN A 392 -17.37 9.16 -5.80
CA ASN A 392 -18.71 8.61 -5.65
C ASN A 392 -18.61 7.17 -5.20
N PRO A 393 -18.82 6.92 -3.89
CA PRO A 393 -18.87 5.55 -3.31
C PRO A 393 -19.93 4.66 -3.91
N ASP A 394 -20.99 5.24 -4.48
CA ASP A 394 -22.04 4.44 -5.13
C ASP A 394 -21.55 3.61 -6.35
N ARG A 395 -20.38 3.95 -6.92
CA ARG A 395 -19.78 3.09 -7.95
C ARG A 395 -19.61 1.65 -7.48
N PHE A 396 -19.41 1.48 -6.16
CA PHE A 396 -19.21 0.15 -5.59
C PHE A 396 -20.43 -0.39 -4.83
N GLY A 397 -21.61 0.16 -5.09
CA GLY A 397 -22.84 -0.28 -4.44
C GLY A 397 -23.17 -1.72 -4.79
N PRO A 398 -23.96 -2.42 -3.96
CA PRO A 398 -24.31 -3.82 -4.25
C PRO A 398 -24.90 -4.09 -5.65
N GLY A 399 -25.74 -3.21 -6.18
CA GLY A 399 -26.29 -3.42 -7.54
C GLY A 399 -25.49 -2.89 -8.73
N ALA A 400 -24.38 -2.20 -8.48
CA ALA A 400 -23.64 -1.51 -9.54
C ALA A 400 -22.86 -2.50 -10.37
N PRO A 401 -22.70 -2.23 -11.69
CA PRO A 401 -21.80 -3.04 -12.52
C PRO A 401 -20.39 -3.02 -11.98
N LYS A 402 -19.80 -4.18 -11.78
CA LYS A 402 -18.47 -4.28 -11.18
C LYS A 402 -17.43 -3.90 -12.24
N PRO A 403 -16.39 -3.14 -11.84
CA PRO A 403 -15.34 -2.86 -12.83
C PRO A 403 -14.68 -4.16 -13.32
N ARG A 404 -14.54 -4.31 -14.64
CA ARG A 404 -13.92 -5.51 -15.19
C ARG A 404 -12.53 -5.14 -15.69
N PHE A 405 -11.54 -5.45 -14.84
CA PHE A 405 -10.12 -5.26 -15.16
C PHE A 405 -9.69 -3.81 -15.37
N THR A 406 -10.42 -2.86 -14.76
CA THR A 406 -10.06 -1.44 -14.82
C THR A 406 -9.66 -0.89 -13.43
N TYR A 407 -9.72 -1.75 -12.42
CA TYR A 407 -9.51 -1.36 -11.03
C TYR A 407 -8.78 -2.48 -10.29
N PHE A 408 -7.54 -2.20 -9.84
CA PHE A 408 -6.73 -3.23 -9.20
C PHE A 408 -5.69 -2.66 -8.24
N PRO A 409 -6.16 -2.03 -7.14
CA PRO A 409 -5.28 -1.42 -6.15
C PRO A 409 -4.41 -2.41 -5.39
N PHE A 410 -4.80 -3.69 -5.39
CA PHE A 410 -3.99 -4.76 -4.79
C PHE A 410 -3.42 -5.68 -5.87
N SER A 411 -3.44 -5.19 -7.11
CA SER A 411 -3.12 -5.96 -8.31
C SER A 411 -4.10 -7.13 -8.49
N LEU A 412 -3.75 -8.06 -9.41
CA LEU A 412 -4.61 -9.19 -9.80
C LEU A 412 -3.75 -10.40 -10.12
N GLY A 413 -4.35 -11.59 -10.01
CA GLY A 413 -3.68 -12.81 -10.37
C GLY A 413 -2.78 -13.33 -9.27
N HIS A 414 -1.83 -14.17 -9.65
CA HIS A 414 -0.96 -14.86 -8.69
C HIS A 414 -0.03 -13.91 -7.92
N ARG A 415 0.32 -12.76 -8.51
CA ARG A 415 1.14 -11.78 -7.79
C ARG A 415 0.33 -10.64 -7.14
N SER A 416 -0.96 -10.89 -6.86
CA SER A 416 -1.76 -9.93 -6.10
C SER A 416 -1.32 -9.90 -4.62
N CYS A 417 -1.68 -8.83 -3.94
CA CYS A 417 -1.24 -8.57 -2.57
C CYS A 417 -1.62 -9.66 -1.59
N ILE A 418 -0.62 -10.30 -1.00
CA ILE A 418 -0.84 -11.29 0.06
C ILE A 418 -1.54 -10.67 1.28
N GLY A 419 -1.33 -9.38 1.52
CA GLY A 419 -1.88 -8.73 2.72
C GLY A 419 -3.18 -7.96 2.51
N GLN A 420 -3.84 -8.19 1.37
CA GLN A 420 -5.03 -7.43 1.00
C GLN A 420 -6.09 -7.47 2.10
N GLN A 421 -6.39 -8.66 2.59
CA GLN A 421 -7.43 -8.82 3.60
C GLN A 421 -7.01 -8.29 4.99
N PHE A 422 -5.73 -8.47 5.35
CA PHE A 422 -5.08 -7.82 6.53
C PHE A 422 -5.30 -6.31 6.50
N ALA A 423 -4.97 -5.73 5.34
CA ALA A 423 -5.06 -4.29 5.08
C ALA A 423 -6.52 -3.80 5.13
N GLN A 424 -7.40 -4.50 4.43
CA GLN A 424 -8.82 -4.16 4.44
C GLN A 424 -9.40 -4.19 5.86
N MET A 425 -9.03 -5.20 6.66
CA MET A 425 -9.53 -5.27 8.03
C MET A 425 -8.95 -4.15 8.90
N GLU A 426 -7.65 -3.92 8.83
CA GLU A 426 -7.03 -2.91 9.68
C GLU A 426 -7.55 -1.50 9.39
N VAL A 427 -7.66 -1.14 8.11
CA VAL A 427 -8.11 0.21 7.80
CA VAL A 427 -8.13 0.19 7.72
C VAL A 427 -9.59 0.37 8.15
N LYS A 428 -10.40 -0.68 8.01
CA LYS A 428 -11.78 -0.57 8.47
C LYS A 428 -11.89 -0.34 9.97
N VAL A 429 -11.11 -1.05 10.77
CA VAL A 429 -11.11 -0.83 12.19
C VAL A 429 -10.69 0.59 12.56
N VAL A 430 -9.60 1.07 11.96
CA VAL A 430 -9.11 2.40 12.27
C VAL A 430 -10.18 3.44 11.83
N MET A 431 -10.65 3.34 10.59
CA MET A 431 -11.62 4.32 10.11
C MET A 431 -12.87 4.33 10.95
N ALA A 432 -13.39 3.15 11.32
CA ALA A 432 -14.64 3.08 12.07
C ALA A 432 -14.49 3.80 13.42
N LYS A 433 -13.36 3.56 14.07
CA LYS A 433 -13.13 4.15 15.38
C LYS A 433 -12.95 5.67 15.30
N LEU A 434 -12.29 6.18 14.27
CA LEU A 434 -12.22 7.64 14.10
C LEU A 434 -13.64 8.25 13.89
N LEU A 435 -14.42 7.62 13.02
CA LEU A 435 -15.77 8.08 12.66
C LEU A 435 -16.74 8.02 13.85
N GLN A 436 -16.54 7.04 14.72
CA GLN A 436 -17.32 6.93 15.94
C GLN A 436 -17.12 8.14 16.86
N ARG A 437 -15.90 8.65 16.92
CA ARG A 437 -15.51 9.48 18.04
C ARG A 437 -15.16 10.92 17.70
N LEU A 438 -14.69 11.18 16.47
CA LEU A 438 -14.12 12.49 16.12
C LEU A 438 -14.69 13.08 14.85
N GLU A 439 -14.71 14.42 14.82
CA GLU A 439 -14.96 15.22 13.61
C GLU A 439 -13.64 15.88 13.17
N PHE A 440 -13.37 15.89 11.88
CA PHE A 440 -12.10 16.34 11.31
C PHE A 440 -12.35 17.46 10.35
N ARG A 441 -11.62 18.56 10.50
CA ARG A 441 -11.65 19.64 9.52
C ARG A 441 -10.21 19.88 9.06
N LEU A 442 -10.00 19.84 7.75
CA LEU A 442 -8.70 20.05 7.17
C LEU A 442 -8.27 21.53 7.33
N VAL A 443 -7.08 21.78 7.80
CA VAL A 443 -6.64 23.16 7.99
C VAL A 443 -6.56 23.87 6.63
N PRO A 444 -7.18 25.06 6.49
CA PRO A 444 -7.12 25.75 5.21
C PRO A 444 -5.67 25.98 4.74
N GLY A 445 -5.44 25.75 3.44
CA GLY A 445 -4.12 25.82 2.84
C GLY A 445 -3.53 24.43 2.59
N GLN A 446 -4.09 23.42 3.25
CA GLN A 446 -3.64 22.05 3.05
C GLN A 446 -4.12 21.60 1.70
N ARG A 447 -3.24 20.93 0.96
CA ARG A 447 -3.50 20.62 -0.43
C ARG A 447 -3.95 19.19 -0.57
N PHE A 448 -4.59 18.90 -1.70
CA PHE A 448 -5.06 17.56 -2.01
C PHE A 448 -4.15 16.86 -3.02
N GLY A 449 -3.00 17.45 -3.31
CA GLY A 449 -2.06 16.92 -4.29
C GLY A 449 -1.23 15.76 -3.78
N LEU A 450 -0.59 15.07 -4.70
CA LEU A 450 0.15 13.85 -4.42
C LEU A 450 1.66 14.05 -4.48
N GLN A 451 2.39 13.15 -3.80
CA GLN A 451 3.81 12.98 -4.03
C GLN A 451 4.09 11.48 -4.23
N GLU A 452 5.22 11.18 -4.86
CA GLU A 452 5.64 9.82 -5.19
C GLU A 452 6.98 9.48 -4.47
N GLN A 453 6.94 8.53 -3.53
CA GLN A 453 8.15 8.01 -2.85
C GLN A 453 8.00 6.50 -2.79
N ALA A 454 8.30 5.86 -3.94
CA ALA A 454 8.01 4.45 -4.21
C ALA A 454 6.51 4.31 -4.40
N THR A 455 5.77 4.60 -3.32
CA THR A 455 4.31 4.65 -3.34
C THR A 455 3.81 6.08 -3.51
N LEU A 456 2.52 6.19 -3.78
CA LEU A 456 1.88 7.51 -3.86
C LEU A 456 1.33 7.84 -2.49
N LYS A 457 1.42 9.10 -2.10
CA LYS A 457 0.89 9.55 -0.82
C LYS A 457 0.57 11.05 -0.83
N PRO A 458 -0.24 11.50 0.12
CA PRO A 458 -0.49 12.93 0.18
C PRO A 458 0.78 13.79 0.18
N LEU A 459 0.78 14.85 -0.62
CA LEU A 459 1.88 15.84 -0.64
C LEU A 459 2.02 16.52 0.73
N ASP A 460 0.90 16.88 1.34
CA ASP A 460 0.89 17.62 2.63
C ASP A 460 0.66 16.66 3.79
N PRO A 461 0.94 17.11 5.03
CA PRO A 461 0.77 16.18 6.17
C PRO A 461 -0.70 15.91 6.62
N VAL A 462 -1.68 16.28 5.80
CA VAL A 462 -3.10 16.19 6.16
C VAL A 462 -3.31 16.80 7.56
N LEU A 463 -2.92 18.07 7.72
CA LEU A 463 -3.16 18.80 8.98
C LEU A 463 -4.64 19.05 9.18
N CYS A 464 -5.15 18.65 10.35
CA CYS A 464 -6.56 18.78 10.68
C CYS A 464 -6.71 19.35 12.06
N THR A 465 -7.81 20.06 12.30
CA THR A 465 -8.28 20.30 13.66
C THR A 465 -9.40 19.28 13.92
N LEU A 466 -9.63 18.97 15.19
CA LEU A 466 -10.55 17.92 15.56
C LEU A 466 -11.49 18.39 16.66
N ARG A 467 -12.69 17.83 16.67
CA ARG A 467 -13.66 17.99 17.76
C ARG A 467 -14.24 16.63 18.09
N PRO A 468 -14.65 16.42 19.36
CA PRO A 468 -15.35 15.18 19.68
C PRO A 468 -16.73 15.17 19.05
N ARG A 469 -17.22 14.01 18.64
CA ARG A 469 -18.58 13.93 18.12
C ARG A 469 -19.58 14.18 19.23
N GLY A 470 -20.64 14.92 18.88
CA GLY A 470 -21.62 15.41 19.86
C GLY A 470 -21.23 16.78 20.40
N TRP A 471 -21.24 17.78 19.52
CA TRP A 471 -20.92 19.18 19.89
C TRP A 471 -19.45 19.32 20.33
#